data_2IEE
#
_entry.id   2IEE
#
_cell.length_a   55.284
_cell.length_b   49.918
_cell.length_c   106.768
_cell.angle_alpha   90.00
_cell.angle_beta   99.73
_cell.angle_gamma   90.00
#
_symmetry.space_group_name_H-M   'P 1 21 1'
#
loop_
_entity.id
_entity.type
_entity.pdbx_description
1 polymer 'Probable ABC transporter extracellular-binding protein yckB'
2 water water
#
_entity_poly.entity_id   1
_entity_poly.type   'polypeptide(L)'
_entity_poly.pdbx_seq_one_letter_code
;(MSE)SGKNEADSKDTGWEQIKDKGKIVVATSGTLYPTSYHDTDSGSDKLTGYEVEVVREAAKRLGLKVEFKE(MSE)GI
DG(MSE)LTAVNSGQVDAAANDIDVTKDREEKFAFSTPYKYSYGTAIVRKDDLSGIKTLKDLKGKKAAGAATTVY(MSE)
EVARKYGAKEVIYDNATNEQYLKDVANGRTDVILNDYYLQTLALAAFPDLNITIHPDIKY(MSE)PNKQALV(MSE)KKS
NAALQKK(MSE)NEALKE(MSE)SKDGSLTKLSKQFFNKADVSKKIDADVQDVDLLEHHHHHH
;
_entity_poly.pdbx_strand_id   A,B
#
# COMPACT_ATOMS: atom_id res chain seq x y z
N THR A 12 -44.51 15.70 -0.33
CA THR A 12 -44.40 14.26 -0.69
C THR A 12 -45.55 13.84 -1.61
N GLY A 13 -45.29 12.88 -2.49
CA GLY A 13 -46.33 12.39 -3.38
C GLY A 13 -46.24 12.80 -4.83
N TRP A 14 -46.67 11.91 -5.71
CA TRP A 14 -46.67 12.15 -7.15
C TRP A 14 -47.63 13.26 -7.58
N GLU A 15 -48.80 13.34 -6.95
CA GLU A 15 -49.76 14.37 -7.31
C GLU A 15 -49.21 15.73 -6.88
N GLN A 16 -48.39 15.73 -5.83
CA GLN A 16 -47.79 16.95 -5.32
C GLN A 16 -46.70 17.43 -6.29
N ILE A 17 -45.94 16.48 -6.83
CA ILE A 17 -44.87 16.77 -7.77
C ILE A 17 -45.51 17.26 -9.07
N LYS A 18 -46.54 16.53 -9.50
CA LYS A 18 -47.25 16.86 -10.72
C LYS A 18 -47.88 18.25 -10.62
N ASP A 19 -48.33 18.62 -9.42
CA ASP A 19 -48.95 19.92 -9.23
C ASP A 19 -47.93 21.05 -9.34
N LYS A 20 -46.77 20.88 -8.71
CA LYS A 20 -45.73 21.90 -8.76
C LYS A 20 -45.07 21.92 -10.13
N GLY A 21 -45.09 20.77 -10.81
CA GLY A 21 -44.47 20.70 -12.12
C GLY A 21 -42.97 20.53 -12.04
N LYS A 22 -42.46 20.27 -10.84
CA LYS A 22 -41.02 20.08 -10.64
C LYS A 22 -40.71 18.97 -9.65
N ILE A 23 -39.67 18.22 -9.94
CA ILE A 23 -39.24 17.14 -9.05
C ILE A 23 -37.87 17.51 -8.52
N VAL A 24 -37.70 17.42 -7.20
CA VAL A 24 -36.44 17.76 -6.57
C VAL A 24 -35.59 16.50 -6.48
N VAL A 25 -34.38 16.56 -7.03
CA VAL A 25 -33.51 15.39 -7.03
C VAL A 25 -32.12 15.68 -6.50
N ALA A 26 -31.68 14.86 -5.56
CA ALA A 26 -30.35 15.02 -4.98
C ALA A 26 -29.34 14.24 -5.81
N THR A 27 -28.15 14.83 -5.94
CA THR A 27 -27.05 14.23 -6.68
C THR A 27 -25.79 14.93 -6.19
N SER A 28 -24.64 14.31 -6.38
CA SER A 28 -23.40 14.89 -5.91
C SER A 28 -22.70 15.84 -6.88
N GLY A 29 -22.63 15.45 -8.14
CA GLY A 29 -21.95 16.30 -9.11
C GLY A 29 -20.45 16.08 -9.02
N THR A 30 -20.04 15.01 -8.35
CA THR A 30 -18.62 14.70 -8.20
C THR A 30 -18.29 13.30 -8.71
N LEU A 31 -19.13 12.77 -9.60
CA LEU A 31 -18.94 11.42 -10.14
C LEU A 31 -18.91 11.38 -11.67
N TYR A 32 -17.82 11.83 -12.26
CA TYR A 32 -17.69 11.80 -13.71
C TYR A 32 -17.73 10.34 -14.14
N PRO A 33 -18.43 10.02 -15.24
CA PRO A 33 -19.20 10.87 -16.14
C PRO A 33 -20.72 10.72 -15.96
N THR A 34 -21.17 10.42 -14.75
CA THR A 34 -22.60 10.23 -14.53
C THR A 34 -23.29 11.40 -13.84
N SER A 35 -22.54 12.15 -13.05
CA SER A 35 -23.05 13.33 -12.36
C SER A 35 -21.88 14.24 -12.07
N TYR A 36 -21.68 15.25 -12.91
CA TYR A 36 -20.57 16.18 -12.74
C TYR A 36 -20.90 17.50 -13.42
N HIS A 37 -19.96 18.44 -13.36
CA HIS A 37 -20.18 19.73 -13.99
C HIS A 37 -19.32 19.87 -15.25
N ASP A 38 -19.95 20.35 -16.32
CA ASP A 38 -19.29 20.54 -17.61
C ASP A 38 -18.40 21.79 -17.60
N THR A 39 -17.20 21.64 -17.05
CA THR A 39 -16.24 22.74 -16.98
C THR A 39 -15.47 22.96 -18.27
N ASP A 40 -15.41 21.94 -19.12
CA ASP A 40 -14.69 22.06 -20.39
C ASP A 40 -15.32 23.11 -21.30
N SER A 41 -16.63 23.23 -21.26
CA SER A 41 -17.34 24.19 -22.10
C SER A 41 -17.44 25.56 -21.45
N GLY A 42 -17.22 25.61 -20.13
CA GLY A 42 -17.32 26.87 -19.41
C GLY A 42 -18.70 27.08 -18.83
N SER A 43 -19.62 26.13 -19.07
CA SER A 43 -20.97 26.27 -18.55
C SER A 43 -21.11 25.82 -17.10
N ASP A 44 -20.24 24.91 -16.66
CA ASP A 44 -20.30 24.40 -15.30
C ASP A 44 -21.67 23.80 -15.04
N LYS A 45 -22.36 23.43 -16.11
CA LYS A 45 -23.70 22.87 -16.00
C LYS A 45 -23.67 21.47 -15.41
N LEU A 46 -24.58 21.19 -14.47
CA LEU A 46 -24.64 19.88 -13.87
C LEU A 46 -25.14 18.94 -14.97
N THR A 47 -24.36 17.90 -15.26
CA THR A 47 -24.74 16.99 -16.33
C THR A 47 -24.25 15.58 -16.02
N GLY A 48 -24.10 14.74 -17.03
CA GLY A 48 -23.66 13.38 -16.79
C GLY A 48 -24.74 12.37 -17.14
N TYR A 49 -24.33 11.12 -17.40
CA TYR A 49 -25.30 10.10 -17.78
C TYR A 49 -26.57 10.04 -16.93
N GLU A 50 -26.43 9.77 -15.63
CA GLU A 50 -27.58 9.64 -14.74
C GLU A 50 -28.40 10.94 -14.63
N VAL A 51 -27.70 12.06 -14.54
CA VAL A 51 -28.37 13.36 -14.46
C VAL A 51 -29.25 13.57 -15.68
N GLU A 52 -28.71 13.30 -16.86
CA GLU A 52 -29.47 13.48 -18.09
C GLU A 52 -30.62 12.48 -18.21
N VAL A 53 -30.40 11.26 -17.72
CA VAL A 53 -31.44 10.24 -17.77
C VAL A 53 -32.64 10.70 -16.94
N VAL A 54 -32.37 11.23 -15.75
CA VAL A 54 -33.43 11.71 -14.88
C VAL A 54 -34.11 12.94 -15.50
N ARG A 55 -33.30 13.87 -15.98
CA ARG A 55 -33.79 15.10 -16.60
C ARG A 55 -34.80 14.78 -17.69
N GLU A 56 -34.41 13.90 -18.60
CA GLU A 56 -35.27 13.50 -19.72
C GLU A 56 -36.49 12.72 -19.24
N ALA A 57 -36.30 11.84 -18.27
CA ALA A 57 -37.43 11.06 -17.76
C ALA A 57 -38.46 12.02 -17.18
N ALA A 58 -37.99 13.01 -16.42
CA ALA A 58 -38.88 13.99 -15.83
C ALA A 58 -39.58 14.76 -16.93
N LYS A 59 -38.84 15.09 -17.98
CA LYS A 59 -39.40 15.82 -19.10
C LYS A 59 -40.53 15.01 -19.73
N ARG A 60 -40.31 13.70 -19.88
CA ARG A 60 -41.33 12.83 -20.45
C ARG A 60 -42.61 12.93 -19.63
N LEU A 61 -42.46 13.27 -18.35
CA LEU A 61 -43.58 13.39 -17.43
C LEU A 61 -44.03 14.84 -17.24
N GLY A 62 -43.69 15.71 -18.20
CA GLY A 62 -44.07 17.11 -18.12
C GLY A 62 -43.52 17.81 -16.89
N LEU A 63 -42.38 17.37 -16.40
CA LEU A 63 -41.78 17.99 -15.22
C LEU A 63 -40.41 18.59 -15.45
N LYS A 64 -40.08 19.56 -14.60
CA LYS A 64 -38.80 20.24 -14.63
C LYS A 64 -38.06 19.59 -13.47
N VAL A 65 -36.73 19.59 -13.51
CA VAL A 65 -35.98 18.98 -12.44
C VAL A 65 -35.19 20.00 -11.64
N GLU A 66 -35.23 19.86 -10.33
CA GLU A 66 -34.50 20.75 -9.45
C GLU A 66 -33.44 19.88 -8.79
N PHE A 67 -32.21 19.97 -9.29
CA PHE A 67 -31.11 19.19 -8.74
C PHE A 67 -30.48 19.84 -7.53
N LYS A 68 -30.50 19.13 -6.41
CA LYS A 68 -29.91 19.62 -5.17
C LYS A 68 -28.60 18.87 -4.99
N GLU A 69 -27.50 19.60 -5.08
CA GLU A 69 -26.18 19.01 -4.93
C GLU A 69 -25.81 18.89 -3.46
N MSE A 70 -25.38 17.69 -3.08
CA MSE A 70 -24.97 17.42 -1.70
C MSE A 70 -24.14 16.13 -1.65
O MSE A 70 -24.13 15.36 -2.60
CB MSE A 70 -26.22 17.25 -0.82
CG MSE A 70 -27.13 16.12 -1.26
SE MSE A 70 -28.69 15.87 -0.14
CE MSE A 70 -29.81 17.26 -0.89
N GLY A 71 -23.45 15.92 -0.53
CA GLY A 71 -22.65 14.72 -0.38
C GLY A 71 -23.52 13.48 -0.34
N ILE A 72 -22.93 12.32 -0.58
CA ILE A 72 -23.68 11.07 -0.56
C ILE A 72 -24.27 10.85 0.82
N ASP A 73 -23.58 11.34 1.84
CA ASP A 73 -24.03 11.21 3.22
C ASP A 73 -25.24 12.10 3.49
N GLY A 74 -26.26 11.53 4.12
CA GLY A 74 -27.46 12.30 4.44
C GLY A 74 -28.40 12.42 3.25
N MSE A 75 -27.95 11.94 2.10
CA MSE A 75 -28.75 12.01 0.89
C MSE A 75 -29.99 11.14 1.06
O MSE A 75 -31.11 11.59 0.82
CB MSE A 75 -27.93 11.53 -0.30
CG MSE A 75 -28.51 11.87 -1.66
SE MSE A 75 -27.28 11.42 -3.10
CE MSE A 75 -26.18 13.02 -3.08
N LEU A 76 -29.79 9.90 1.46
CA LEU A 76 -30.90 8.97 1.67
C LEU A 76 -31.82 9.50 2.76
N THR A 77 -31.23 10.18 3.75
CA THR A 77 -32.01 10.75 4.85
C THR A 77 -32.90 11.87 4.32
N ALA A 78 -32.41 12.58 3.32
CA ALA A 78 -33.15 13.66 2.72
C ALA A 78 -34.36 13.10 1.99
N VAL A 79 -34.22 11.88 1.48
CA VAL A 79 -35.30 11.22 0.77
C VAL A 79 -36.40 10.84 1.75
N ASN A 80 -35.99 10.32 2.90
CA ASN A 80 -36.94 9.92 3.93
C ASN A 80 -37.60 11.12 4.59
N SER A 81 -36.83 12.16 4.84
CA SER A 81 -37.35 13.38 5.48
C SER A 81 -38.30 14.12 4.55
N GLY A 82 -38.22 13.83 3.26
CA GLY A 82 -39.07 14.51 2.30
C GLY A 82 -38.39 15.77 1.80
N GLN A 83 -37.13 15.94 2.19
CA GLN A 83 -36.34 17.10 1.77
C GLN A 83 -36.26 17.13 0.25
N VAL A 84 -36.08 15.96 -0.35
CA VAL A 84 -36.00 15.85 -1.79
C VAL A 84 -36.97 14.73 -2.20
N ASP A 85 -37.34 14.69 -3.47
CA ASP A 85 -38.25 13.67 -3.97
C ASP A 85 -37.53 12.38 -4.35
N ALA A 86 -36.25 12.49 -4.64
CA ALA A 86 -35.48 11.33 -5.02
C ALA A 86 -33.99 11.64 -5.00
N ALA A 87 -33.19 10.60 -5.07
CA ALA A 87 -31.73 10.74 -5.08
C ALA A 87 -31.17 9.94 -6.26
N ALA A 88 -30.33 10.59 -7.05
CA ALA A 88 -29.71 9.96 -8.22
C ALA A 88 -28.20 10.16 -8.08
N ASN A 89 -27.51 9.14 -7.60
CA ASN A 89 -26.09 9.28 -7.39
C ASN A 89 -25.35 7.95 -7.48
N ASP A 90 -25.53 7.24 -8.59
CA ASP A 90 -24.84 5.96 -8.78
C ASP A 90 -25.05 5.02 -7.59
N ILE A 91 -26.26 5.02 -7.04
CA ILE A 91 -26.57 4.19 -5.89
C ILE A 91 -26.98 2.77 -6.30
N ASP A 92 -26.25 1.78 -5.80
CA ASP A 92 -26.52 0.39 -6.15
C ASP A 92 -27.85 -0.09 -5.58
N VAL A 93 -28.48 -0.99 -6.32
CA VAL A 93 -29.73 -1.58 -5.87
C VAL A 93 -29.26 -2.75 -5.03
N THR A 94 -29.70 -2.80 -3.77
CA THR A 94 -29.33 -3.90 -2.88
C THR A 94 -30.59 -4.31 -2.14
N LYS A 95 -30.66 -5.57 -1.71
CA LYS A 95 -31.82 -6.06 -0.99
C LYS A 95 -32.05 -5.26 0.27
N ASP A 96 -30.97 -4.92 0.96
CA ASP A 96 -31.06 -4.14 2.20
C ASP A 96 -31.75 -2.81 1.94
N ARG A 97 -31.30 -2.09 0.91
CA ARG A 97 -31.87 -0.81 0.57
C ARG A 97 -33.30 -0.90 0.06
N GLU A 98 -33.61 -1.99 -0.63
CA GLU A 98 -34.95 -2.19 -1.19
C GLU A 98 -36.05 -2.31 -0.14
N GLU A 99 -35.68 -2.58 1.11
CA GLU A 99 -36.68 -2.69 2.15
C GLU A 99 -36.93 -1.34 2.81
N LYS A 100 -36.01 -0.41 2.57
CA LYS A 100 -36.08 0.94 3.13
C LYS A 100 -36.51 1.98 2.11
N PHE A 101 -36.29 1.71 0.83
CA PHE A 101 -36.64 2.66 -0.23
C PHE A 101 -37.30 2.04 -1.44
N ALA A 102 -37.75 2.89 -2.35
CA ALA A 102 -38.35 2.44 -3.60
C ALA A 102 -37.40 2.82 -4.72
N PHE A 103 -36.93 1.83 -5.47
CA PHE A 103 -36.03 2.07 -6.58
C PHE A 103 -36.79 2.06 -7.90
N SER A 104 -36.26 2.76 -8.88
CA SER A 104 -36.86 2.75 -10.21
C SER A 104 -36.22 1.52 -10.84
N THR A 105 -36.62 1.17 -12.05
CA THR A 105 -36.00 0.05 -12.72
C THR A 105 -34.56 0.55 -12.91
N PRO A 106 -33.59 -0.36 -13.01
CA PRO A 106 -32.19 0.07 -13.18
C PRO A 106 -31.91 0.68 -14.55
N TYR A 107 -30.98 1.63 -14.61
CA TYR A 107 -30.60 2.22 -15.89
C TYR A 107 -29.10 2.12 -16.16
N LYS A 108 -28.41 1.33 -15.33
CA LYS A 108 -26.99 1.08 -15.51
C LYS A 108 -26.59 -0.23 -14.84
N TYR A 109 -25.87 -1.06 -15.57
CA TYR A 109 -25.39 -2.34 -15.07
C TYR A 109 -23.90 -2.36 -15.30
N SER A 110 -23.15 -2.81 -14.30
CA SER A 110 -21.71 -2.85 -14.43
C SER A 110 -21.13 -3.88 -13.48
N TYR A 111 -19.81 -3.86 -13.37
CA TYR A 111 -19.07 -4.75 -12.50
C TYR A 111 -17.62 -4.22 -12.43
N GLY A 112 -16.84 -4.69 -11.47
CA GLY A 112 -15.48 -4.23 -11.35
C GLY A 112 -14.51 -4.98 -12.24
N THR A 113 -13.39 -4.33 -12.57
CA THR A 113 -12.38 -4.95 -13.41
C THR A 113 -11.02 -4.48 -12.92
N ALA A 114 -9.98 -4.82 -13.67
CA ALA A 114 -8.63 -4.43 -13.30
C ALA A 114 -7.84 -3.93 -14.50
N ILE A 115 -7.09 -2.85 -14.30
CA ILE A 115 -6.25 -2.33 -15.36
C ILE A 115 -4.85 -2.80 -15.00
N VAL A 116 -4.20 -3.43 -15.95
CA VAL A 116 -2.85 -3.96 -15.76
C VAL A 116 -2.03 -3.55 -16.98
N ARG A 117 -0.76 -3.93 -17.04
CA ARG A 117 0.07 -3.59 -18.19
C ARG A 117 -0.40 -4.35 -19.43
N LYS A 118 -0.33 -3.69 -20.59
CA LYS A 118 -0.74 -4.31 -21.84
C LYS A 118 0.25 -5.39 -22.29
N ASP A 119 1.53 -5.17 -22.06
CA ASP A 119 2.55 -6.13 -22.49
C ASP A 119 2.63 -7.44 -21.70
N ASP A 120 2.47 -7.41 -20.38
CA ASP A 120 2.53 -8.65 -19.62
C ASP A 120 1.37 -8.84 -18.64
N LEU A 121 0.36 -7.99 -18.74
CA LEU A 121 -0.80 -8.06 -17.87
C LEU A 121 -0.38 -8.05 -16.40
N SER A 122 0.79 -7.47 -16.13
CA SER A 122 1.33 -7.38 -14.79
C SER A 122 1.48 -8.74 -14.08
N GLY A 123 1.65 -9.79 -14.87
CA GLY A 123 1.82 -11.13 -14.32
C GLY A 123 0.60 -11.64 -13.58
N ILE A 124 -0.55 -11.07 -13.91
CA ILE A 124 -1.80 -11.46 -13.27
C ILE A 124 -2.70 -12.28 -14.19
N LYS A 125 -3.19 -13.41 -13.69
CA LYS A 125 -4.09 -14.27 -14.47
C LYS A 125 -5.50 -14.28 -13.87
N THR A 126 -5.58 -14.34 -12.54
CA THR A 126 -6.87 -14.34 -11.85
C THR A 126 -6.74 -13.43 -10.63
N LEU A 127 -7.84 -13.20 -9.93
CA LEU A 127 -7.80 -12.34 -8.76
C LEU A 127 -6.79 -12.84 -7.74
N LYS A 128 -6.66 -14.16 -7.65
CA LYS A 128 -5.71 -14.76 -6.72
C LYS A 128 -4.28 -14.25 -6.93
N ASP A 129 -3.93 -13.88 -8.16
CA ASP A 129 -2.59 -13.40 -8.46
C ASP A 129 -2.32 -11.98 -7.99
N LEU A 130 -3.33 -11.35 -7.41
CA LEU A 130 -3.18 -9.99 -6.88
C LEU A 130 -2.29 -10.04 -5.64
N LYS A 131 -2.11 -11.24 -5.09
CA LYS A 131 -1.28 -11.43 -3.91
C LYS A 131 0.14 -10.91 -4.11
N GLY A 132 0.53 -9.92 -3.31
CA GLY A 132 1.87 -9.36 -3.41
C GLY A 132 2.03 -8.29 -4.47
N LYS A 133 0.97 -8.02 -5.22
CA LYS A 133 1.05 -7.00 -6.26
C LYS A 133 0.80 -5.61 -5.69
N LYS A 134 1.26 -4.59 -6.41
CA LYS A 134 1.08 -3.22 -5.98
C LYS A 134 -0.21 -2.68 -6.58
N ALA A 135 -1.21 -2.50 -5.72
CA ALA A 135 -2.52 -2.00 -6.14
C ALA A 135 -2.70 -0.52 -5.79
N ALA A 136 -3.18 0.25 -6.77
CA ALA A 136 -3.38 1.68 -6.57
C ALA A 136 -4.80 2.11 -6.86
N GLY A 137 -5.12 3.34 -6.45
CA GLY A 137 -6.46 3.89 -6.65
C GLY A 137 -7.00 4.43 -5.32
N ALA A 138 -8.26 4.86 -5.31
CA ALA A 138 -8.88 5.40 -4.11
C ALA A 138 -8.69 4.47 -2.90
N ALA A 139 -8.35 5.06 -1.77
CA ALA A 139 -8.08 4.32 -0.54
C ALA A 139 -9.25 3.61 0.14
N THR A 140 -10.38 4.28 0.33
CA THR A 140 -11.49 3.66 1.03
C THR A 140 -12.73 3.33 0.18
N THR A 141 -12.53 2.47 -0.82
CA THR A 141 -13.62 2.04 -1.67
C THR A 141 -13.68 0.53 -1.60
N VAL A 142 -14.77 -0.03 -2.09
CA VAL A 142 -14.94 -1.47 -2.10
C VAL A 142 -13.90 -2.09 -3.03
N TYR A 143 -13.43 -1.30 -3.99
CA TYR A 143 -12.42 -1.78 -4.94
C TYR A 143 -11.09 -2.06 -4.25
N MSE A 144 -10.67 -1.17 -3.34
CA MSE A 144 -9.41 -1.36 -2.62
C MSE A 144 -9.58 -2.48 -1.60
O MSE A 144 -8.61 -3.17 -1.25
CB MSE A 144 -9.01 -0.06 -1.91
CG MSE A 144 -7.62 -0.06 -1.27
SE MSE A 144 -6.17 -0.48 -2.52
CE MSE A 144 -5.66 -2.18 -1.78
N GLU A 145 -10.81 -2.68 -1.14
CA GLU A 145 -11.10 -3.73 -0.19
C GLU A 145 -10.92 -5.08 -0.89
N VAL A 146 -11.35 -5.14 -2.14
CA VAL A 146 -11.22 -6.35 -2.93
C VAL A 146 -9.74 -6.70 -3.02
N ALA A 147 -8.94 -5.71 -3.42
CA ALA A 147 -7.50 -5.89 -3.56
C ALA A 147 -6.89 -6.44 -2.27
N ARG A 148 -7.30 -5.87 -1.14
CA ARG A 148 -6.77 -6.31 0.15
C ARG A 148 -7.15 -7.76 0.45
N LYS A 149 -8.40 -8.12 0.19
CA LYS A 149 -8.87 -9.48 0.42
C LYS A 149 -7.99 -10.50 -0.28
N TYR A 150 -7.39 -10.09 -1.38
CA TYR A 150 -6.54 -10.98 -2.15
C TYR A 150 -5.05 -10.83 -1.86
N GLY A 151 -4.72 -10.03 -0.85
CA GLY A 151 -3.33 -9.88 -0.46
C GLY A 151 -2.46 -8.91 -1.25
N ALA A 152 -3.08 -7.93 -1.89
CA ALA A 152 -2.33 -6.95 -2.66
C ALA A 152 -1.75 -5.87 -1.76
N LYS A 153 -0.59 -5.34 -2.13
CA LYS A 153 0.03 -4.28 -1.37
C LYS A 153 -0.69 -3.01 -1.79
N GLU A 154 -1.18 -2.25 -0.81
CA GLU A 154 -1.87 -1.00 -1.15
C GLU A 154 -0.84 0.11 -1.32
N VAL A 155 -0.92 0.82 -2.44
CA VAL A 155 0.02 1.91 -2.69
C VAL A 155 -0.59 3.22 -2.22
N ILE A 156 0.12 3.91 -1.34
CA ILE A 156 -0.37 5.19 -0.82
C ILE A 156 0.15 6.37 -1.62
N TYR A 157 -0.77 7.11 -2.23
CA TYR A 157 -0.42 8.29 -3.02
C TYR A 157 -0.75 9.56 -2.22
N ASP A 158 0.06 10.58 -2.38
CA ASP A 158 -0.17 11.84 -1.68
C ASP A 158 -1.41 12.52 -2.27
N ASN A 159 -1.32 12.85 -3.55
CA ASN A 159 -2.42 13.50 -4.25
C ASN A 159 -2.15 13.42 -5.74
N ALA A 160 -2.46 12.29 -6.34
CA ALA A 160 -2.20 12.07 -7.77
C ALA A 160 -3.42 12.21 -8.66
N THR A 161 -3.18 12.16 -9.96
CA THR A 161 -4.24 12.27 -10.95
C THR A 161 -4.43 10.92 -11.63
N ASN A 162 -5.51 10.80 -12.40
CA ASN A 162 -5.82 9.56 -13.11
C ASN A 162 -4.68 9.21 -14.06
N GLU A 163 -4.14 10.23 -14.72
CA GLU A 163 -3.06 10.00 -15.67
C GLU A 163 -1.83 9.46 -14.96
N GLN A 164 -1.59 9.96 -13.75
CA GLN A 164 -0.45 9.51 -12.96
C GLN A 164 -0.59 8.04 -12.57
N TYR A 165 -1.77 7.68 -12.07
CA TYR A 165 -2.03 6.31 -11.67
C TYR A 165 -1.78 5.36 -12.84
N LEU A 166 -2.31 5.71 -14.01
CA LEU A 166 -2.18 4.88 -15.19
C LEU A 166 -0.73 4.73 -15.67
N LYS A 167 0.02 5.82 -15.68
CA LYS A 167 1.41 5.77 -16.12
C LYS A 167 2.30 4.92 -15.22
N ASP A 168 2.00 4.92 -13.93
CA ASP A 168 2.78 4.13 -12.98
C ASP A 168 2.55 2.64 -13.23
N VAL A 169 1.38 2.30 -13.73
CA VAL A 169 1.10 0.91 -14.05
C VAL A 169 1.94 0.59 -15.28
N ALA A 170 1.82 1.44 -16.29
CA ALA A 170 2.55 1.27 -17.54
C ALA A 170 4.05 1.23 -17.29
N ASN A 171 4.51 2.07 -16.36
CA ASN A 171 5.92 2.16 -16.02
C ASN A 171 6.45 1.00 -15.21
N GLY A 172 5.55 0.27 -14.57
CA GLY A 172 5.98 -0.84 -13.74
C GLY A 172 6.18 -0.39 -12.30
N ARG A 173 5.88 0.87 -11.99
CA ARG A 173 6.01 1.39 -10.63
C ARG A 173 4.91 0.77 -9.75
N THR A 174 3.76 0.50 -10.37
CA THR A 174 2.65 -0.16 -9.68
C THR A 174 2.23 -1.30 -10.61
N ASP A 175 1.32 -2.15 -10.16
CA ASP A 175 0.91 -3.28 -10.99
C ASP A 175 -0.53 -3.33 -11.46
N VAL A 176 -1.46 -2.90 -10.60
CA VAL A 176 -2.85 -3.01 -10.94
C VAL A 176 -3.72 -1.93 -10.32
N ILE A 177 -4.82 -1.61 -11.01
CA ILE A 177 -5.80 -0.63 -10.53
C ILE A 177 -7.14 -1.33 -10.62
N LEU A 178 -7.86 -1.36 -9.49
CA LEU A 178 -9.18 -1.99 -9.44
C LEU A 178 -10.24 -0.88 -9.46
N ASN A 179 -11.19 -0.96 -10.39
CA ASN A 179 -12.23 0.05 -10.46
C ASN A 179 -13.39 -0.47 -11.31
N ASP A 180 -14.42 0.36 -11.46
CA ASP A 180 -15.60 0.01 -12.27
C ASP A 180 -15.18 -0.21 -13.73
N TYR A 181 -15.76 -1.22 -14.38
CA TYR A 181 -15.43 -1.52 -15.77
C TYR A 181 -15.51 -0.32 -16.70
N TYR A 182 -16.69 0.28 -16.75
CA TYR A 182 -16.89 1.42 -17.63
C TYR A 182 -15.94 2.58 -17.37
N LEU A 183 -15.65 2.88 -16.10
CA LEU A 183 -14.73 3.97 -15.80
C LEU A 183 -13.36 3.64 -16.35
N GLN A 184 -13.01 2.36 -16.34
CA GLN A 184 -11.71 1.94 -16.85
C GLN A 184 -11.65 1.94 -18.37
N THR A 185 -12.77 1.70 -19.05
CA THR A 185 -12.75 1.71 -20.51
C THR A 185 -12.47 3.14 -20.96
N LEU A 186 -12.92 4.11 -20.16
CA LEU A 186 -12.69 5.51 -20.49
C LEU A 186 -11.22 5.81 -20.31
N ALA A 187 -10.59 5.16 -19.33
CA ALA A 187 -9.17 5.35 -19.07
C ALA A 187 -8.38 4.95 -20.31
N LEU A 188 -8.68 3.77 -20.84
CA LEU A 188 -8.02 3.25 -22.04
C LEU A 188 -8.27 4.17 -23.25
N ALA A 189 -9.52 4.61 -23.40
CA ALA A 189 -9.87 5.48 -24.51
C ALA A 189 -9.12 6.80 -24.44
N ALA A 190 -8.87 7.27 -23.23
CA ALA A 190 -8.16 8.53 -23.05
C ALA A 190 -6.67 8.43 -23.34
N PHE A 191 -6.07 7.31 -22.96
CA PHE A 191 -4.64 7.11 -23.20
C PHE A 191 -4.39 5.82 -23.98
N PRO A 192 -4.82 5.78 -25.26
CA PRO A 192 -4.68 4.62 -26.13
C PRO A 192 -3.25 4.18 -26.49
N ASP A 193 -2.27 5.01 -26.15
CA ASP A 193 -0.88 4.71 -26.44
C ASP A 193 -0.09 4.22 -25.23
N LEU A 194 -0.72 4.28 -24.05
CA LEU A 194 -0.08 3.88 -22.81
C LEU A 194 -0.06 2.37 -22.65
N ASN A 195 0.94 1.86 -21.95
CA ASN A 195 1.04 0.41 -21.76
C ASN A 195 0.10 -0.07 -20.65
N ILE A 196 -1.20 0.03 -20.92
CA ILE A 196 -2.23 -0.39 -19.98
C ILE A 196 -3.38 -1.01 -20.76
N THR A 197 -4.17 -1.81 -20.07
CA THR A 197 -5.33 -2.44 -20.69
C THR A 197 -6.17 -3.00 -19.56
N ILE A 198 -7.41 -3.35 -19.87
CA ILE A 198 -8.30 -3.94 -18.88
C ILE A 198 -8.05 -5.44 -18.96
N HIS A 199 -7.77 -6.06 -17.82
CA HIS A 199 -7.51 -7.50 -17.83
C HIS A 199 -8.72 -8.23 -18.41
N PRO A 200 -8.50 -9.10 -19.40
CA PRO A 200 -9.57 -9.86 -20.05
C PRO A 200 -10.33 -10.91 -19.25
N ASP A 201 -9.78 -11.39 -18.14
CA ASP A 201 -10.49 -12.42 -17.40
C ASP A 201 -11.06 -12.06 -16.03
N ILE A 202 -10.54 -10.98 -15.44
CA ILE A 202 -11.01 -10.57 -14.13
C ILE A 202 -12.27 -9.70 -14.18
N LYS A 203 -13.34 -10.21 -13.58
CA LYS A 203 -14.63 -9.53 -13.48
C LYS A 203 -15.17 -9.90 -12.10
N TYR A 204 -15.57 -8.90 -11.33
CA TYR A 204 -16.07 -9.17 -9.99
C TYR A 204 -17.12 -8.17 -9.51
N MSE A 205 -17.91 -8.61 -8.54
CA MSE A 205 -18.94 -7.78 -7.92
C MSE A 205 -19.91 -7.07 -8.86
O MSE A 205 -19.86 -5.85 -8.98
CB MSE A 205 -18.27 -6.75 -7.02
CG MSE A 205 -19.25 -5.97 -6.17
SE MSE A 205 -18.53 -4.26 -5.66
CE MSE A 205 -16.79 -4.88 -5.06
N PRO A 206 -20.81 -7.82 -9.50
CA PRO A 206 -21.77 -7.17 -10.40
C PRO A 206 -22.61 -6.16 -9.62
N ASN A 207 -23.10 -5.14 -10.30
CA ASN A 207 -23.90 -4.10 -9.65
C ASN A 207 -24.77 -3.35 -10.65
N LYS A 208 -25.81 -2.70 -10.15
CA LYS A 208 -26.72 -1.93 -10.97
C LYS A 208 -27.20 -0.72 -10.17
N GLN A 209 -27.47 0.37 -10.89
CA GLN A 209 -27.91 1.60 -10.24
C GLN A 209 -29.29 2.05 -10.75
N ALA A 210 -30.01 2.74 -9.87
CA ALA A 210 -31.35 3.21 -10.20
C ALA A 210 -31.70 4.43 -9.36
N LEU A 211 -32.82 5.04 -9.65
CA LEU A 211 -33.29 6.21 -8.92
C LEU A 211 -33.85 5.78 -7.56
N VAL A 212 -33.46 6.48 -6.51
CA VAL A 212 -33.91 6.16 -5.16
C VAL A 212 -34.98 7.14 -4.65
N MSE A 213 -36.08 6.59 -4.17
CA MSE A 213 -37.14 7.43 -3.63
C MSE A 213 -37.82 6.79 -2.43
O MSE A 213 -37.63 5.60 -2.15
CB MSE A 213 -38.15 7.82 -4.73
CG MSE A 213 -38.66 6.69 -5.60
SE MSE A 213 -39.10 7.22 -7.45
CE MSE A 213 -38.15 5.77 -8.33
N LYS A 214 -38.57 7.60 -1.69
CA LYS A 214 -39.28 7.12 -0.50
C LYS A 214 -40.10 5.91 -0.88
N LYS A 215 -39.97 4.83 -0.13
CA LYS A 215 -40.68 3.59 -0.43
C LYS A 215 -42.21 3.72 -0.48
N SER A 216 -42.75 4.73 0.19
CA SER A 216 -44.20 4.96 0.17
C SER A 216 -44.61 5.66 -1.11
N ASN A 217 -43.65 6.23 -1.82
CA ASN A 217 -43.92 6.95 -3.07
C ASN A 217 -44.09 6.02 -4.26
N ALA A 218 -44.96 5.03 -4.11
CA ALA A 218 -45.21 4.06 -5.17
C ALA A 218 -45.73 4.69 -6.46
N ALA A 219 -46.52 5.76 -6.33
CA ALA A 219 -47.07 6.44 -7.50
C ALA A 219 -45.95 7.07 -8.32
N LEU A 220 -45.04 7.78 -7.65
CA LEU A 220 -43.91 8.38 -8.33
C LEU A 220 -43.06 7.28 -8.98
N GLN A 221 -42.84 6.22 -8.21
CA GLN A 221 -42.05 5.08 -8.69
C GLN A 221 -42.59 4.52 -10.00
N LYS A 222 -43.90 4.32 -10.07
CA LYS A 222 -44.53 3.77 -11.27
C LYS A 222 -44.42 4.73 -12.46
N LYS A 223 -44.60 6.02 -12.20
CA LYS A 223 -44.51 7.03 -13.25
C LYS A 223 -43.10 7.12 -13.82
N MSE A 224 -42.11 7.13 -12.94
CA MSE A 224 -40.71 7.19 -13.36
C MSE A 224 -40.37 5.99 -14.23
O MSE A 224 -39.76 6.14 -15.29
CB MSE A 224 -39.77 7.21 -12.15
CG MSE A 224 -39.44 8.59 -11.61
SE MSE A 224 -38.44 9.66 -12.90
CE MSE A 224 -39.51 11.24 -12.84
N ASN A 225 -40.78 4.81 -13.79
CA ASN A 225 -40.52 3.58 -14.55
C ASN A 225 -41.19 3.63 -15.91
N GLU A 226 -42.36 4.24 -15.96
CA GLU A 226 -43.11 4.37 -17.21
C GLU A 226 -42.30 5.17 -18.21
N ALA A 227 -41.73 6.28 -17.77
CA ALA A 227 -40.92 7.13 -18.64
C ALA A 227 -39.59 6.45 -18.99
N LEU A 228 -38.99 5.76 -18.03
CA LEU A 228 -37.73 5.06 -18.26
C LEU A 228 -37.91 3.93 -19.28
N LYS A 229 -39.05 3.24 -19.20
CA LYS A 229 -39.35 2.15 -20.12
C LYS A 229 -39.50 2.70 -21.53
N GLU A 230 -40.17 3.85 -21.64
CA GLU A 230 -40.39 4.51 -22.90
C GLU A 230 -39.04 4.89 -23.52
N MSE A 231 -38.12 5.33 -22.66
CA MSE A 231 -36.78 5.73 -23.08
C MSE A 231 -35.96 4.50 -23.47
O MSE A 231 -35.17 4.53 -24.40
CB MSE A 231 -36.09 6.51 -21.96
CG MSE A 231 -36.61 7.92 -21.78
SE MSE A 231 -35.95 8.76 -20.15
CE MSE A 231 -34.14 9.11 -20.72
N SER A 232 -36.19 3.42 -22.72
CA SER A 232 -35.50 2.17 -22.96
C SER A 232 -35.87 1.61 -24.33
N LYS A 233 -37.14 1.74 -24.68
CA LYS A 233 -37.65 1.21 -25.95
C LYS A 233 -37.33 2.08 -27.17
N ASP A 234 -37.26 3.40 -27.02
CA ASP A 234 -36.94 4.24 -28.17
C ASP A 234 -35.46 4.55 -28.35
N GLY A 235 -34.61 3.95 -27.52
CA GLY A 235 -33.18 4.17 -27.66
C GLY A 235 -32.59 5.38 -26.96
N SER A 236 -33.40 6.12 -26.22
CA SER A 236 -32.93 7.29 -25.51
C SER A 236 -31.86 6.95 -24.47
N LEU A 237 -32.07 5.86 -23.73
CA LEU A 237 -31.11 5.45 -22.72
C LEU A 237 -29.77 5.12 -23.38
N THR A 238 -29.80 4.27 -24.40
CA THR A 238 -28.58 3.88 -25.10
C THR A 238 -27.91 5.12 -25.67
N LYS A 239 -28.71 6.04 -26.20
CA LYS A 239 -28.18 7.27 -26.79
C LYS A 239 -27.41 8.09 -25.76
N LEU A 240 -28.01 8.28 -24.58
CA LEU A 240 -27.35 9.05 -23.53
C LEU A 240 -26.10 8.32 -23.03
N SER A 241 -26.18 7.00 -22.93
CA SER A 241 -25.06 6.19 -22.47
C SER A 241 -23.84 6.33 -23.39
N LYS A 242 -24.07 6.18 -24.68
CA LYS A 242 -23.00 6.26 -25.67
C LYS A 242 -22.33 7.62 -25.63
N GLN A 243 -23.11 8.65 -25.32
CA GLN A 243 -22.60 10.00 -25.22
C GLN A 243 -21.64 10.19 -24.06
N PHE A 244 -21.99 9.62 -22.90
CA PHE A 244 -21.16 9.76 -21.71
C PHE A 244 -20.15 8.66 -21.44
N PHE A 245 -20.36 7.49 -22.04
CA PHE A 245 -19.45 6.37 -21.85
C PHE A 245 -18.73 5.93 -23.13
N ASN A 246 -18.35 6.91 -23.95
CA ASN A 246 -17.61 6.69 -25.19
C ASN A 246 -18.12 5.55 -26.09
N LYS A 247 -19.40 5.64 -26.46
CA LYS A 247 -20.07 4.68 -27.33
C LYS A 247 -20.53 3.37 -26.71
N ALA A 248 -20.21 3.17 -25.42
CA ALA A 248 -20.65 1.96 -24.74
C ALA A 248 -22.09 2.18 -24.26
N ASP A 249 -22.84 1.10 -24.11
CA ASP A 249 -24.23 1.21 -23.65
C ASP A 249 -24.37 0.52 -22.29
N VAL A 250 -24.25 1.31 -21.23
CA VAL A 250 -24.33 0.77 -19.88
C VAL A 250 -25.74 0.46 -19.37
N SER A 251 -26.77 0.79 -20.17
CA SER A 251 -28.15 0.56 -19.75
C SER A 251 -28.62 -0.89 -19.88
N LYS A 252 -27.81 -1.73 -20.50
CA LYS A 252 -28.17 -3.14 -20.67
C LYS A 252 -27.14 -4.03 -20.00
N LYS A 253 -27.62 -5.07 -19.32
CA LYS A 253 -26.73 -5.99 -18.62
C LYS A 253 -25.80 -6.77 -19.55
N ILE A 254 -24.54 -6.87 -19.16
CA ILE A 254 -23.54 -7.58 -19.94
C ILE A 254 -23.54 -9.06 -19.58
N ASP A 255 -23.80 -9.91 -20.56
CA ASP A 255 -23.80 -11.35 -20.32
C ASP A 255 -22.34 -11.77 -20.17
N ALA A 256 -21.85 -11.76 -18.94
CA ALA A 256 -20.46 -12.11 -18.68
C ALA A 256 -20.29 -13.00 -17.44
N ASP A 257 -19.13 -13.63 -17.35
CA ASP A 257 -18.81 -14.51 -16.23
C ASP A 257 -18.26 -13.64 -15.09
N VAL A 258 -19.16 -13.11 -14.26
CA VAL A 258 -18.75 -12.25 -13.15
C VAL A 258 -18.70 -12.98 -11.81
N GLN A 259 -17.57 -12.84 -11.13
CA GLN A 259 -17.32 -13.48 -9.84
C GLN A 259 -17.84 -12.69 -8.65
N ASP A 260 -18.49 -13.36 -7.72
CA ASP A 260 -19.01 -12.70 -6.53
C ASP A 260 -17.90 -12.63 -5.47
N VAL A 261 -17.87 -11.54 -4.72
CA VAL A 261 -16.87 -11.35 -3.68
C VAL A 261 -17.53 -11.04 -2.34
N ASP A 262 -16.89 -11.43 -1.25
CA ASP A 262 -17.42 -11.20 0.10
C ASP A 262 -17.56 -9.73 0.46
N TRP B 14 47.29 -16.61 7.26
CA TRP B 14 47.56 -15.51 8.22
C TRP B 14 48.86 -14.79 7.84
N GLU B 15 49.90 -15.56 7.58
CA GLU B 15 51.19 -15.00 7.22
C GLU B 15 51.08 -14.15 5.96
N GLN B 16 50.14 -14.49 5.09
CA GLN B 16 49.92 -13.72 3.87
C GLN B 16 49.52 -12.31 4.29
N ILE B 17 48.48 -12.25 5.13
CA ILE B 17 47.94 -11.01 5.65
C ILE B 17 48.99 -10.20 6.40
N LYS B 18 49.63 -10.84 7.38
CA LYS B 18 50.64 -10.19 8.19
C LYS B 18 51.71 -9.59 7.27
N ASP B 19 52.16 -10.37 6.30
CA ASP B 19 53.18 -9.87 5.39
C ASP B 19 52.63 -8.68 4.59
N LYS B 20 51.35 -8.73 4.24
CA LYS B 20 50.73 -7.64 3.50
C LYS B 20 50.61 -6.41 4.40
N GLY B 21 50.53 -6.65 5.70
CA GLY B 21 50.41 -5.56 6.65
C GLY B 21 49.00 -5.00 6.74
N LYS B 22 48.03 -5.71 6.18
CA LYS B 22 46.66 -5.23 6.22
C LYS B 22 45.65 -6.25 5.73
N ILE B 23 44.38 -5.98 6.01
CA ILE B 23 43.31 -6.85 5.56
C ILE B 23 42.38 -6.02 4.68
N VAL B 24 41.82 -6.65 3.66
CA VAL B 24 40.89 -6.00 2.76
C VAL B 24 39.50 -6.41 3.23
N VAL B 25 38.67 -5.43 3.56
CA VAL B 25 37.33 -5.73 4.05
C VAL B 25 36.21 -5.09 3.25
N ALA B 26 35.31 -5.92 2.75
CA ALA B 26 34.17 -5.43 1.98
C ALA B 26 33.08 -4.94 2.94
N THR B 27 32.44 -3.85 2.57
CA THR B 27 31.37 -3.24 3.36
C THR B 27 30.63 -2.32 2.40
N SER B 28 29.37 -2.02 2.69
CA SER B 28 28.59 -1.17 1.81
C SER B 28 28.88 0.32 1.97
N GLY B 29 29.06 0.78 3.20
CA GLY B 29 29.29 2.19 3.43
C GLY B 29 27.99 2.95 3.29
N THR B 30 26.89 2.21 3.13
CA THR B 30 25.58 2.83 3.00
C THR B 30 24.57 2.26 3.99
N LEU B 31 25.03 1.93 5.19
CA LEU B 31 24.17 1.38 6.23
C LEU B 31 24.34 2.10 7.56
N TYR B 32 23.61 3.19 7.74
CA TYR B 32 23.67 3.96 8.98
C TYR B 32 23.00 3.10 10.04
N PRO B 33 23.59 3.00 11.24
CA PRO B 33 24.83 3.64 11.70
C PRO B 33 26.02 2.68 11.84
N THR B 34 25.99 1.55 11.13
CA THR B 34 27.08 0.60 11.23
C THR B 34 28.17 0.73 10.17
N SER B 35 27.82 1.29 9.02
CA SER B 35 28.77 1.46 7.92
C SER B 35 28.32 2.60 7.02
N TYR B 36 28.90 3.78 7.23
CA TYR B 36 28.53 4.93 6.42
C TYR B 36 29.63 5.97 6.38
N HIS B 37 29.35 7.09 5.72
CA HIS B 37 30.31 8.16 5.58
C HIS B 37 29.90 9.37 6.41
N ASP B 38 30.87 10.00 7.04
CA ASP B 38 30.62 11.20 7.85
C ASP B 38 31.76 12.17 7.55
N THR B 39 31.58 13.43 7.89
CA THR B 39 32.61 14.42 7.62
C THR B 39 32.69 15.47 8.71
N ASP B 44 33.72 12.37 4.55
CA ASP B 44 34.98 12.16 3.87
C ASP B 44 35.73 10.98 4.50
N LYS B 45 35.14 10.43 5.56
CA LYS B 45 35.71 9.29 6.27
C LYS B 45 34.67 8.19 6.38
N LEU B 46 35.10 6.95 6.19
CA LEU B 46 34.20 5.81 6.31
C LEU B 46 34.18 5.47 7.80
N THR B 47 32.99 5.46 8.39
CA THR B 47 32.89 5.14 9.82
C THR B 47 31.66 4.30 10.11
N GLY B 48 31.18 4.32 11.35
CA GLY B 48 30.03 3.54 11.73
C GLY B 48 30.45 2.40 12.67
N TYR B 49 29.56 1.97 13.55
CA TYR B 49 29.88 0.91 14.50
C TYR B 49 30.71 -0.27 13.97
N GLU B 50 30.16 -1.00 13.01
CA GLU B 50 30.88 -2.17 12.49
C GLU B 50 32.23 -1.83 11.84
N VAL B 51 32.26 -0.75 11.06
CA VAL B 51 33.49 -0.35 10.41
C VAL B 51 34.58 -0.05 11.46
N GLU B 52 34.20 0.66 12.50
CA GLU B 52 35.16 1.02 13.55
C GLU B 52 35.57 -0.18 14.40
N VAL B 53 34.66 -1.13 14.59
CA VAL B 53 35.01 -2.31 15.37
C VAL B 53 36.06 -3.13 14.64
N VAL B 54 35.85 -3.33 13.33
CA VAL B 54 36.80 -4.09 12.51
C VAL B 54 38.12 -3.35 12.40
N ARG B 55 38.05 -2.04 12.20
CA ARG B 55 39.23 -1.20 12.08
C ARG B 55 40.12 -1.31 13.34
N GLU B 56 39.48 -1.28 14.51
CA GLU B 56 40.18 -1.37 15.79
C GLU B 56 40.71 -2.77 16.06
N ALA B 57 39.93 -3.79 15.68
CA ALA B 57 40.34 -5.17 15.88
C ALA B 57 41.63 -5.45 15.10
N ALA B 58 41.67 -4.97 13.85
CA ALA B 58 42.83 -5.18 12.99
C ALA B 58 44.03 -4.39 13.52
N LYS B 59 43.75 -3.18 13.99
CA LYS B 59 44.80 -2.33 14.55
C LYS B 59 45.51 -3.06 15.68
N ARG B 60 44.73 -3.73 16.53
CA ARG B 60 45.32 -4.46 17.63
C ARG B 60 46.11 -5.67 17.17
N LEU B 61 45.92 -6.04 15.90
CA LEU B 61 46.66 -7.17 15.34
C LEU B 61 47.89 -6.65 14.60
N GLY B 62 48.10 -5.35 14.64
CA GLY B 62 49.23 -4.74 13.97
C GLY B 62 48.96 -4.58 12.48
N LEU B 63 47.67 -4.50 12.14
CA LEU B 63 47.25 -4.38 10.75
C LEU B 63 46.38 -3.16 10.45
N LYS B 64 46.46 -2.69 9.21
CA LYS B 64 45.62 -1.58 8.77
C LYS B 64 44.47 -2.24 8.04
N VAL B 65 43.47 -1.46 7.66
CA VAL B 65 42.34 -2.01 6.94
C VAL B 65 42.01 -1.23 5.68
N GLU B 66 41.81 -1.95 4.58
CA GLU B 66 41.42 -1.32 3.33
C GLU B 66 39.98 -1.74 3.09
N PHE B 67 39.05 -0.81 3.22
CA PHE B 67 37.64 -1.13 3.00
C PHE B 67 37.34 -0.97 1.52
N LYS B 68 36.60 -1.93 0.96
CA LYS B 68 36.18 -1.91 -0.44
C LYS B 68 34.66 -1.86 -0.42
N GLU B 69 34.09 -0.74 -0.85
CA GLU B 69 32.65 -0.58 -0.85
C GLU B 69 31.99 -1.20 -2.08
N MSE B 70 30.97 -2.00 -1.82
CA MSE B 70 30.23 -2.68 -2.88
C MSE B 70 28.86 -3.05 -2.33
O MSE B 70 28.64 -3.03 -1.11
CB MSE B 70 30.97 -3.95 -3.30
CG MSE B 70 31.20 -4.91 -2.13
SE MSE B 70 32.24 -6.48 -2.59
CE MSE B 70 34.00 -5.69 -2.48
N GLY B 71 27.93 -3.38 -3.22
CA GLY B 71 26.60 -3.75 -2.77
C GLY B 71 26.67 -5.07 -2.01
N ILE B 72 25.77 -5.25 -1.04
CA ILE B 72 25.78 -6.48 -0.27
C ILE B 72 25.60 -7.66 -1.21
N ASP B 73 25.07 -7.38 -2.39
CA ASP B 73 24.86 -8.40 -3.41
C ASP B 73 26.23 -8.77 -3.99
N GLY B 74 26.59 -10.04 -3.89
CA GLY B 74 27.88 -10.47 -4.41
C GLY B 74 29.04 -10.08 -3.52
N MSE B 75 28.76 -9.82 -2.26
CA MSE B 75 29.81 -9.47 -1.31
C MSE B 75 30.43 -10.74 -0.75
O MSE B 75 31.64 -10.81 -0.50
CB MSE B 75 29.23 -8.62 -0.19
CG MSE B 75 30.28 -7.89 0.63
SE MSE B 75 29.46 -6.81 1.98
CE MSE B 75 29.09 -5.22 0.95
N LEU B 76 29.61 -11.77 -0.55
CA LEU B 76 30.11 -13.04 -0.05
C LEU B 76 30.90 -13.71 -1.18
N THR B 77 30.56 -13.32 -2.41
CA THR B 77 31.24 -13.84 -3.59
C THR B 77 32.67 -13.29 -3.59
N ALA B 78 32.82 -12.04 -3.16
CA ALA B 78 34.12 -11.38 -3.09
C ALA B 78 35.02 -12.05 -2.07
N VAL B 79 34.41 -12.52 -0.99
CA VAL B 79 35.15 -13.20 0.06
C VAL B 79 35.71 -14.49 -0.50
N ASN B 80 34.84 -15.28 -1.12
CA ASN B 80 35.25 -16.56 -1.71
C ASN B 80 36.31 -16.42 -2.78
N SER B 81 36.18 -15.41 -3.63
CA SER B 81 37.13 -15.19 -4.71
C SER B 81 38.39 -14.48 -4.21
N GLY B 82 38.42 -14.14 -2.94
CA GLY B 82 39.59 -13.48 -2.39
C GLY B 82 39.80 -12.05 -2.85
N GLN B 83 38.74 -11.37 -3.26
CA GLN B 83 38.87 -9.97 -3.65
C GLN B 83 39.09 -9.22 -2.35
N VAL B 84 38.59 -9.80 -1.26
CA VAL B 84 38.74 -9.21 0.07
C VAL B 84 39.05 -10.32 1.05
N ASP B 85 39.62 -9.98 2.19
CA ASP B 85 39.93 -10.97 3.20
C ASP B 85 38.70 -11.25 4.05
N ALA B 86 37.75 -10.31 4.05
CA ALA B 86 36.54 -10.47 4.83
C ALA B 86 35.46 -9.50 4.39
N ALA B 87 34.24 -9.73 4.87
CA ALA B 87 33.11 -8.88 4.57
C ALA B 87 32.47 -8.46 5.89
N ALA B 88 32.25 -7.15 6.05
CA ALA B 88 31.64 -6.61 7.26
C ALA B 88 30.46 -5.75 6.84
N ASN B 89 29.26 -6.30 6.89
CA ASN B 89 28.10 -5.51 6.49
C ASN B 89 26.81 -6.00 7.15
N ASP B 90 26.80 -5.99 8.47
CA ASP B 90 25.61 -6.39 9.22
C ASP B 90 25.08 -7.76 8.76
N ILE B 91 25.99 -8.68 8.50
CA ILE B 91 25.66 -10.03 8.03
C ILE B 91 25.22 -10.93 9.20
N ASP B 92 24.02 -11.48 9.11
CA ASP B 92 23.50 -12.35 10.16
C ASP B 92 24.21 -13.68 10.19
N VAL B 93 24.53 -14.14 11.40
CA VAL B 93 25.18 -15.43 11.56
C VAL B 93 24.08 -16.47 11.57
N THR B 94 24.01 -17.30 10.53
CA THR B 94 22.99 -18.34 10.44
C THR B 94 23.64 -19.71 10.31
N LYS B 95 22.88 -20.76 10.60
CA LYS B 95 23.40 -22.12 10.52
C LYS B 95 23.84 -22.44 9.11
N ASP B 96 23.01 -22.08 8.14
CA ASP B 96 23.31 -22.33 6.74
C ASP B 96 24.60 -21.62 6.30
N ARG B 97 24.79 -20.38 6.77
CA ARG B 97 25.97 -19.62 6.42
C ARG B 97 27.24 -20.11 7.11
N GLU B 98 27.11 -20.64 8.32
CA GLU B 98 28.27 -21.13 9.06
C GLU B 98 28.94 -22.33 8.39
N GLU B 99 28.19 -23.10 7.61
CA GLU B 99 28.80 -24.24 6.95
C GLU B 99 29.34 -23.84 5.58
N LYS B 100 29.24 -22.56 5.26
CA LYS B 100 29.74 -22.05 3.99
C LYS B 100 30.85 -21.01 4.20
N PHE B 101 30.86 -20.39 5.37
CA PHE B 101 31.85 -19.38 5.69
C PHE B 101 32.34 -19.49 7.12
N ALA B 102 33.39 -18.75 7.44
CA ALA B 102 33.94 -18.72 8.79
C ALA B 102 33.50 -17.38 9.37
N PHE B 103 32.96 -17.40 10.57
CA PHE B 103 32.52 -16.18 11.23
C PHE B 103 33.34 -15.89 12.47
N SER B 104 33.48 -14.60 12.80
CA SER B 104 34.20 -14.23 14.01
C SER B 104 33.08 -14.33 15.04
N THR B 105 33.41 -14.17 16.31
CA THR B 105 32.38 -14.19 17.33
C THR B 105 31.56 -12.94 17.03
N PRO B 106 30.25 -12.97 17.33
CA PRO B 106 29.39 -11.81 17.08
C PRO B 106 29.79 -10.54 17.81
N TYR B 107 29.56 -9.40 17.19
CA TYR B 107 29.83 -8.12 17.83
C TYR B 107 28.56 -7.28 17.87
N LYS B 108 27.44 -7.92 17.57
CA LYS B 108 26.13 -7.28 17.64
C LYS B 108 25.02 -8.32 17.72
N TYR B 109 24.09 -8.10 18.64
CA TYR B 109 22.94 -8.99 18.81
C TYR B 109 21.69 -8.11 18.77
N SER B 110 20.63 -8.61 18.16
CA SER B 110 19.41 -7.84 18.07
C SER B 110 18.20 -8.73 17.79
N TYR B 111 17.08 -8.10 17.48
CA TYR B 111 15.85 -8.81 17.18
C TYR B 111 14.86 -7.82 16.62
N GLY B 112 13.83 -8.32 15.97
CA GLY B 112 12.84 -7.43 15.37
C GLY B 112 11.76 -6.97 16.34
N THR B 113 11.25 -5.77 16.11
CA THR B 113 10.19 -5.21 16.95
C THR B 113 9.18 -4.51 16.07
N ALA B 114 8.24 -3.82 16.69
CA ALA B 114 7.22 -3.10 15.96
C ALA B 114 6.98 -1.70 16.50
N ILE B 115 6.87 -0.73 15.60
CA ILE B 115 6.58 0.63 15.99
C ILE B 115 5.08 0.81 15.79
N VAL B 116 4.38 1.14 16.86
CA VAL B 116 2.95 1.35 16.81
C VAL B 116 2.65 2.68 17.46
N ARG B 117 1.37 3.05 17.52
CA ARG B 117 0.99 4.31 18.14
C ARG B 117 1.26 4.28 19.63
N LYS B 118 1.69 5.42 20.16
CA LYS B 118 1.97 5.53 21.58
C LYS B 118 0.68 5.58 22.41
N ASP B 119 -0.36 6.22 21.89
CA ASP B 119 -1.61 6.32 22.64
C ASP B 119 -2.44 5.06 22.74
N ASP B 120 -2.52 4.25 21.68
CA ASP B 120 -3.31 3.02 21.74
C ASP B 120 -2.58 1.77 21.24
N LEU B 121 -1.27 1.85 21.10
CA LEU B 121 -0.47 0.72 20.62
C LEU B 121 -1.07 0.11 19.36
N SER B 122 -1.72 0.95 18.56
CA SER B 122 -2.34 0.53 17.30
C SER B 122 -3.29 -0.65 17.50
N GLY B 123 -3.84 -0.79 18.70
CA GLY B 123 -4.75 -1.87 19.00
C GLY B 123 -4.11 -3.25 18.91
N ILE B 124 -2.78 -3.29 19.04
CA ILE B 124 -2.06 -4.55 18.95
C ILE B 124 -1.53 -5.02 20.30
N LYS B 125 -1.77 -6.29 20.60
CA LYS B 125 -1.30 -6.89 21.85
C LYS B 125 -0.17 -7.87 21.57
N THR B 126 -0.37 -8.69 20.55
CA THR B 126 0.62 -9.70 20.16
C THR B 126 0.75 -9.69 18.64
N LEU B 127 1.75 -10.40 18.12
CA LEU B 127 1.95 -10.47 16.68
C LEU B 127 0.69 -10.93 15.98
N LYS B 128 -0.06 -11.81 16.64
CA LYS B 128 -1.30 -12.33 16.07
C LYS B 128 -2.27 -11.18 15.76
N ASP B 129 -2.13 -10.06 16.47
CA ASP B 129 -3.00 -8.91 16.25
C ASP B 129 -2.66 -8.07 15.03
N LEU B 130 -1.63 -8.48 14.30
CA LEU B 130 -1.23 -7.76 13.09
C LEU B 130 -2.22 -8.03 11.96
N LYS B 131 -2.96 -9.13 12.08
CA LYS B 131 -3.94 -9.49 11.05
C LYS B 131 -4.90 -8.34 10.79
N GLY B 132 -4.94 -7.88 9.55
CA GLY B 132 -5.84 -6.79 9.20
C GLY B 132 -5.23 -5.40 9.39
N LYS B 133 -4.14 -5.31 10.13
CA LYS B 133 -3.47 -4.03 10.38
C LYS B 133 -2.61 -3.64 9.18
N LYS B 134 -2.51 -2.34 8.92
CA LYS B 134 -1.72 -1.87 7.79
C LYS B 134 -0.26 -1.73 8.20
N ALA B 135 0.57 -2.61 7.65
CA ALA B 135 2.01 -2.61 7.95
C ALA B 135 2.79 -1.95 6.83
N ALA B 136 3.54 -0.91 7.17
CA ALA B 136 4.34 -0.19 6.20
C ALA B 136 5.81 -0.56 6.35
N GLY B 137 6.59 -0.25 5.32
CA GLY B 137 8.01 -0.55 5.36
C GLY B 137 8.54 -0.93 3.99
N ALA B 139 9.38 -2.84 1.96
CA ALA B 139 9.46 -3.15 0.53
C ALA B 139 9.59 -4.65 0.31
N THR B 140 10.79 -5.17 0.52
CA THR B 140 11.06 -6.59 0.34
C THR B 140 12.11 -7.07 1.33
N THR B 141 11.69 -7.30 2.56
CA THR B 141 12.60 -7.77 3.61
C THR B 141 11.90 -8.79 4.49
N VAL B 142 12.67 -9.49 5.30
CA VAL B 142 12.14 -10.50 6.20
C VAL B 142 11.13 -9.91 7.18
N TYR B 143 11.25 -8.60 7.46
CA TYR B 143 10.34 -7.94 8.37
C TYR B 143 8.93 -7.90 7.80
N MSE B 144 8.83 -7.61 6.51
CA MSE B 144 7.54 -7.55 5.84
C MSE B 144 7.02 -8.98 5.69
O MSE B 144 5.81 -9.20 5.59
CB MSE B 144 7.70 -6.90 4.47
CG MSE B 144 6.39 -6.36 3.87
SE MSE B 144 5.51 -5.05 5.00
CE MSE B 144 3.87 -6.03 5.32
N GLU B 145 7.94 -9.95 5.68
CA GLU B 145 7.59 -11.36 5.56
C GLU B 145 6.88 -11.79 6.83
N VAL B 146 7.33 -11.25 7.96
CA VAL B 146 6.73 -11.56 9.26
C VAL B 146 5.32 -10.98 9.31
N ALA B 147 5.19 -9.75 8.82
CA ALA B 147 3.91 -9.06 8.80
C ALA B 147 2.85 -9.80 7.98
N ARG B 148 3.23 -10.24 6.79
CA ARG B 148 2.30 -10.95 5.93
C ARG B 148 1.93 -12.29 6.54
N LYS B 149 2.92 -12.99 7.08
CA LYS B 149 2.70 -14.28 7.71
C LYS B 149 1.60 -14.22 8.78
N TYR B 150 1.47 -13.07 9.44
CA TYR B 150 0.46 -12.89 10.47
C TYR B 150 -0.81 -12.21 9.96
N GLY B 151 -0.90 -12.02 8.65
CA GLY B 151 -2.09 -11.44 8.06
C GLY B 151 -2.18 -9.94 7.95
N ALA B 152 -1.05 -9.25 8.12
CA ALA B 152 -1.05 -7.81 8.03
C ALA B 152 -1.35 -7.35 6.61
N LYS B 153 -1.99 -6.20 6.48
CA LYS B 153 -2.31 -5.63 5.17
C LYS B 153 -1.09 -4.81 4.81
N GLU B 154 -0.37 -5.23 3.77
CA GLU B 154 0.83 -4.53 3.36
C GLU B 154 0.56 -3.24 2.60
N VAL B 155 1.23 -2.17 3.01
CA VAL B 155 1.09 -0.87 2.37
C VAL B 155 2.47 -0.40 1.90
N ILE B 156 2.51 0.21 0.71
CA ILE B 156 3.74 0.72 0.14
C ILE B 156 3.49 2.17 -0.30
N TYR B 157 4.52 3.01 -0.27
CA TYR B 157 4.35 4.40 -0.66
C TYR B 157 4.79 4.75 -2.07
N ASP B 158 4.01 5.58 -2.74
CA ASP B 158 4.34 6.03 -4.09
C ASP B 158 5.64 6.82 -4.01
N ASN B 159 5.65 7.87 -3.18
CA ASN B 159 6.82 8.72 -3.01
C ASN B 159 6.70 9.46 -1.69
N ALA B 160 7.33 8.93 -0.66
CA ALA B 160 7.27 9.54 0.65
C ALA B 160 8.61 9.46 1.34
N THR B 161 8.83 10.39 2.26
CA THR B 161 10.05 10.45 3.04
C THR B 161 9.97 9.40 4.13
N ASN B 162 11.11 9.03 4.72
CA ASN B 162 11.11 8.04 5.78
C ASN B 162 10.27 8.57 6.93
N GLU B 163 10.36 9.87 7.17
CA GLU B 163 9.61 10.51 8.24
C GLU B 163 8.10 10.30 8.11
N GLN B 164 7.60 10.35 6.88
CA GLN B 164 6.17 10.17 6.61
C GLN B 164 5.67 8.81 7.08
N TYR B 165 6.54 7.80 7.09
CA TYR B 165 6.14 6.48 7.53
C TYR B 165 5.73 6.58 8.99
N LEU B 166 6.57 7.22 9.80
CA LEU B 166 6.28 7.37 11.22
C LEU B 166 5.04 8.23 11.46
N LYS B 167 4.91 9.32 10.71
CA LYS B 167 3.75 10.20 10.87
C LYS B 167 2.43 9.51 10.54
N ASP B 168 2.43 8.67 9.50
CA ASP B 168 1.19 7.98 9.13
C ASP B 168 0.78 6.98 10.20
N VAL B 169 1.75 6.47 10.96
CA VAL B 169 1.41 5.55 12.04
C VAL B 169 0.79 6.43 13.13
N ALA B 170 1.47 7.53 13.42
CA ALA B 170 1.05 8.47 14.45
C ALA B 170 -0.35 9.04 14.24
N ASN B 171 -0.72 9.33 13.00
CA ASN B 171 -2.03 9.89 12.72
C ASN B 171 -3.11 8.86 12.38
N GLY B 172 -2.76 7.59 12.38
CA GLY B 172 -3.75 6.56 12.09
C GLY B 172 -3.92 6.15 10.65
N ARG B 173 -3.11 6.69 9.75
CA ARG B 173 -3.20 6.34 8.33
C ARG B 173 -2.79 4.88 8.17
N THR B 174 -1.76 4.48 8.91
CA THR B 174 -1.27 3.11 8.91
C THR B 174 -1.22 2.67 10.37
N ASP B 175 -0.85 1.41 10.62
CA ASP B 175 -0.85 0.94 12.00
C ASP B 175 0.47 0.47 12.58
N VAL B 176 1.33 -0.10 11.75
CA VAL B 176 2.58 -0.63 12.26
C VAL B 176 3.73 -0.71 11.26
N ILE B 177 4.94 -0.67 11.81
CA ILE B 177 6.16 -0.76 11.04
C ILE B 177 7.06 -1.77 11.75
N LEU B 178 7.39 -2.87 11.07
CA LEU B 178 8.26 -3.91 11.62
C LEU B 178 9.68 -3.64 11.13
N ASN B 179 10.64 -3.65 12.05
CA ASN B 179 12.04 -3.39 11.71
C ASN B 179 12.92 -3.80 12.90
N ASP B 180 14.24 -3.75 12.70
CA ASP B 180 15.22 -4.09 13.73
C ASP B 180 15.02 -3.19 14.95
N TYR B 181 15.10 -3.77 16.14
CA TYR B 181 14.92 -3.00 17.37
C TYR B 181 15.77 -1.73 17.45
N TYR B 182 17.08 -1.88 17.35
CA TYR B 182 17.96 -0.72 17.44
C TYR B 182 17.68 0.37 16.42
N LEU B 183 17.38 -0.01 15.18
CA LEU B 183 17.07 1.01 14.18
C LEU B 183 15.80 1.75 14.61
N GLN B 184 14.89 1.03 15.24
CA GLN B 184 13.64 1.66 15.69
C GLN B 184 13.85 2.58 16.90
N THR B 185 14.80 2.25 17.76
CA THR B 185 15.08 3.10 18.92
C THR B 185 15.66 4.42 18.44
N LEU B 186 16.42 4.38 17.35
CA LEU B 186 17.00 5.60 16.80
C LEU B 186 15.88 6.47 16.22
N ALA B 187 14.83 5.79 15.75
CA ALA B 187 13.68 6.48 15.18
C ALA B 187 12.96 7.24 16.28
N LEU B 188 12.74 6.57 17.41
CA LEU B 188 12.08 7.19 18.56
C LEU B 188 12.88 8.32 19.17
N ALA B 189 14.21 8.16 19.16
CA ALA B 189 15.09 9.18 19.74
C ALA B 189 15.06 10.43 18.87
N ALA B 190 14.88 10.24 17.58
CA ALA B 190 14.83 11.34 16.63
C ALA B 190 13.46 12.03 16.64
N PHE B 191 12.41 11.31 16.99
CA PHE B 191 11.06 11.89 17.04
C PHE B 191 10.38 11.53 18.36
N PRO B 192 10.87 12.08 19.48
CA PRO B 192 10.32 11.80 20.81
C PRO B 192 9.01 12.54 21.06
N ASP B 193 8.46 13.18 20.03
CA ASP B 193 7.23 13.92 20.18
C ASP B 193 6.06 13.35 19.39
N LEU B 194 6.34 12.49 18.40
CA LEU B 194 5.28 11.88 17.60
C LEU B 194 4.52 10.83 18.40
N ASN B 195 3.32 10.49 17.93
CA ASN B 195 2.51 9.49 18.59
C ASN B 195 2.93 8.09 18.14
N ILE B 196 4.17 7.72 18.46
CA ILE B 196 4.72 6.41 18.11
C ILE B 196 5.53 5.86 19.27
N THR B 197 5.76 4.54 19.24
CA THR B 197 6.54 3.89 20.27
C THR B 197 6.87 2.48 19.82
N ILE B 198 7.82 1.85 20.49
CA ILE B 198 8.19 0.49 20.17
C ILE B 198 7.31 -0.35 21.07
N HIS B 199 6.50 -1.23 20.48
CA HIS B 199 5.59 -2.06 21.26
C HIS B 199 6.42 -2.78 22.31
N PRO B 200 5.99 -2.73 23.58
CA PRO B 200 6.70 -3.37 24.69
C PRO B 200 6.76 -4.89 24.74
N ASP B 201 5.78 -5.57 24.15
CA ASP B 201 5.77 -7.02 24.22
C ASP B 201 6.20 -7.78 22.97
N ILE B 202 6.16 -7.13 21.82
CA ILE B 202 6.54 -7.81 20.59
C ILE B 202 8.03 -7.85 20.32
N LYS B 203 8.58 -9.07 20.33
CA LYS B 203 10.00 -9.32 20.09
C LYS B 203 10.09 -10.60 19.24
N TYR B 204 10.69 -10.51 18.06
CA TYR B 204 10.79 -11.68 17.18
C TYR B 204 12.07 -11.78 16.35
N MSE B 205 12.37 -13.00 15.92
CA MSE B 205 13.53 -13.25 15.06
C MSE B 205 14.88 -12.80 15.62
O MSE B 205 15.54 -11.95 15.03
CB MSE B 205 13.30 -12.56 13.72
CG MSE B 205 14.18 -13.07 12.59
SE MSE B 205 14.16 -11.87 11.06
CE MSE B 205 12.29 -11.43 11.03
N PRO B 206 15.30 -13.36 16.76
CA PRO B 206 16.60 -12.94 17.30
C PRO B 206 17.69 -13.17 16.27
N ASN B 207 18.69 -12.29 16.26
CA ASN B 207 19.78 -12.41 15.31
C ASN B 207 21.06 -11.79 15.87
N LYS B 208 22.17 -12.09 15.20
CA LYS B 208 23.49 -11.60 15.60
C LYS B 208 24.37 -11.46 14.36
N GLN B 209 25.28 -10.50 14.41
CA GLN B 209 26.16 -10.25 13.27
C GLN B 209 27.64 -10.37 13.64
N ALA B 210 28.46 -10.64 12.62
CA ALA B 210 29.90 -10.80 12.82
C ALA B 210 30.64 -10.66 11.49
N LEU B 211 31.97 -10.68 11.56
CA LEU B 211 32.81 -10.56 10.37
C LEU B 211 32.71 -11.87 9.60
N VAL B 212 32.69 -11.77 8.27
CA VAL B 212 32.59 -12.95 7.42
C VAL B 212 33.87 -13.17 6.65
N MSE B 213 34.41 -14.39 6.74
CA MSE B 213 35.64 -14.75 6.07
C MSE B 213 35.47 -16.07 5.32
O MSE B 213 34.49 -16.79 5.52
CB MSE B 213 36.76 -14.90 7.10
CG MSE B 213 37.02 -13.63 7.88
SE MSE B 213 37.89 -14.01 9.56
CE MSE B 213 36.30 -14.41 10.61
N LYS B 214 36.41 -16.37 4.43
CA LYS B 214 36.34 -17.62 3.69
C LYS B 214 36.47 -18.75 4.72
N LYS B 215 35.74 -19.83 4.51
CA LYS B 215 35.73 -20.96 5.44
C LYS B 215 37.12 -21.46 5.83
N SER B 216 38.04 -21.50 4.87
CA SER B 216 39.39 -22.00 5.11
C SER B 216 40.29 -21.09 5.94
N ASN B 217 39.92 -19.81 6.08
CA ASN B 217 40.73 -18.85 6.81
C ASN B 217 40.64 -18.94 8.34
N ALA B 218 40.87 -20.13 8.88
CA ALA B 218 40.81 -20.34 10.34
C ALA B 218 41.81 -19.44 11.05
N ALA B 219 42.98 -19.29 10.46
CA ALA B 219 44.04 -18.47 11.03
C ALA B 219 43.56 -17.05 11.34
N LEU B 220 42.97 -16.41 10.34
CA LEU B 220 42.48 -15.05 10.50
C LEU B 220 41.34 -15.01 11.50
N GLN B 221 40.47 -15.99 11.40
CA GLN B 221 39.33 -16.09 12.28
C GLN B 221 39.79 -16.07 13.74
N LYS B 222 40.74 -16.93 14.07
CA LYS B 222 41.25 -17.03 15.43
C LYS B 222 41.86 -15.72 15.93
N LYS B 223 42.66 -15.08 15.08
CA LYS B 223 43.29 -13.83 15.45
C LYS B 223 42.26 -12.73 15.68
N MSE B 224 41.35 -12.54 14.73
CA MSE B 224 40.32 -11.50 14.89
C MSE B 224 39.51 -11.78 16.15
O MSE B 224 39.22 -10.85 16.91
CB MSE B 224 39.41 -11.45 13.67
CG MSE B 224 40.04 -10.86 12.41
SE MSE B 224 40.57 -8.99 12.57
CE MSE B 224 38.88 -8.16 12.11
N ASN B 225 39.16 -13.04 16.38
CA ASN B 225 38.38 -13.42 17.57
C ASN B 225 39.15 -13.01 18.82
N GLU B 226 40.45 -13.20 18.76
CA GLU B 226 41.35 -12.87 19.85
C GLU B 226 41.25 -11.37 20.16
N ALA B 227 41.25 -10.57 19.12
CA ALA B 227 41.17 -9.12 19.26
C ALA B 227 39.80 -8.66 19.73
N LEU B 228 38.75 -9.28 19.19
CA LEU B 228 37.39 -8.92 19.58
C LEU B 228 37.12 -9.29 21.05
N LYS B 229 37.76 -10.33 21.54
CA LYS B 229 37.57 -10.74 22.93
C LYS B 229 38.14 -9.69 23.86
N GLU B 230 39.33 -9.19 23.52
CA GLU B 230 40.03 -8.17 24.28
C GLU B 230 39.20 -6.88 24.29
N MSE B 231 38.62 -6.55 23.15
CA MSE B 231 37.82 -5.34 23.03
C MSE B 231 36.53 -5.44 23.82
O MSE B 231 36.01 -4.44 24.30
CB MSE B 231 37.49 -5.07 21.56
CG MSE B 231 38.69 -4.61 20.77
SE MSE B 231 38.37 -4.58 18.88
CE MSE B 231 37.17 -3.11 18.88
N SER B 232 36.01 -6.65 23.95
CA SER B 232 34.80 -6.88 24.71
C SER B 232 35.10 -6.72 26.19
N LYS B 233 36.26 -7.20 26.61
CA LYS B 233 36.68 -7.14 28.01
C LYS B 233 37.05 -5.75 28.50
N ASP B 234 37.61 -4.91 27.63
CA ASP B 234 37.99 -3.57 28.03
C ASP B 234 36.95 -2.49 27.73
N GLY B 235 35.76 -2.92 27.35
CA GLY B 235 34.69 -1.97 27.07
C GLY B 235 34.74 -1.24 25.73
N SER B 236 35.64 -1.63 24.84
CA SER B 236 35.74 -0.97 23.55
C SER B 236 34.49 -1.13 22.70
N LEU B 237 34.00 -2.36 22.58
CA LEU B 237 32.79 -2.63 21.82
C LEU B 237 31.64 -1.78 22.35
N THR B 238 31.50 -1.78 23.68
CA THR B 238 30.46 -1.00 24.36
C THR B 238 30.62 0.48 24.05
N LYS B 239 31.86 0.96 24.12
CA LYS B 239 32.14 2.36 23.83
C LYS B 239 31.72 2.75 22.41
N LEU B 240 32.14 1.97 21.43
CA LEU B 240 31.80 2.24 20.03
C LEU B 240 30.30 2.11 19.81
N SER B 241 29.67 1.15 20.49
CA SER B 241 28.23 0.98 20.34
C SER B 241 27.46 2.19 20.85
N LYS B 242 27.80 2.66 22.05
CA LYS B 242 27.10 3.81 22.63
C LYS B 242 27.22 5.03 21.71
N GLN B 243 28.36 5.15 21.05
CA GLN B 243 28.61 6.27 20.17
C GLN B 243 27.70 6.25 18.93
N PHE B 244 27.49 5.08 18.36
CA PHE B 244 26.69 4.95 17.16
C PHE B 244 25.23 4.55 17.36
N PHE B 245 24.89 4.04 18.54
CA PHE B 245 23.54 3.61 18.82
C PHE B 245 22.88 4.36 19.98
N ASN B 246 23.17 5.66 20.05
CA ASN B 246 22.61 6.55 21.05
C ASN B 246 22.62 6.00 22.49
N LYS B 247 23.81 5.65 22.95
CA LYS B 247 24.03 5.15 24.30
C LYS B 247 23.62 3.70 24.58
N ALA B 248 23.11 3.00 23.57
CA ALA B 248 22.73 1.61 23.79
C ALA B 248 23.96 0.76 23.47
N ASP B 249 24.03 -0.43 24.05
CA ASP B 249 25.16 -1.33 23.82
C ASP B 249 24.72 -2.56 23.04
N VAL B 250 24.89 -2.52 21.73
CA VAL B 250 24.46 -3.65 20.91
C VAL B 250 25.39 -4.87 20.99
N SER B 251 26.62 -4.66 21.45
CA SER B 251 27.57 -5.77 21.54
C SER B 251 27.18 -6.81 22.60
N LYS B 252 26.22 -6.48 23.46
CA LYS B 252 25.79 -7.42 24.47
C LYS B 252 24.34 -7.80 24.22
N LYS B 253 24.10 -9.10 24.13
CA LYS B 253 22.76 -9.61 23.87
C LYS B 253 21.75 -9.17 24.92
N ILE B 254 20.54 -8.88 24.47
CA ILE B 254 19.48 -8.46 25.36
C ILE B 254 18.89 -9.67 26.08
N ASP B 255 18.69 -9.54 27.38
CA ASP B 255 18.09 -10.61 28.16
C ASP B 255 16.57 -10.46 28.00
N ALA B 256 16.00 -11.21 27.07
CA ALA B 256 14.56 -11.13 26.83
C ALA B 256 14.05 -12.42 26.19
N ASP B 257 12.74 -12.58 26.20
CA ASP B 257 12.13 -13.76 25.59
C ASP B 257 11.63 -13.37 24.20
N VAL B 258 12.40 -13.74 23.18
CA VAL B 258 12.04 -13.43 21.81
C VAL B 258 11.50 -14.68 21.12
N GLN B 259 10.42 -14.52 20.37
CA GLN B 259 9.82 -15.65 19.68
C GLN B 259 10.40 -15.88 18.30
N ASP B 260 10.44 -17.14 17.90
CA ASP B 260 10.95 -17.49 16.59
C ASP B 260 9.78 -17.47 15.62
N VAL B 261 10.06 -17.11 14.37
CA VAL B 261 9.04 -17.07 13.34
C VAL B 261 9.47 -18.03 12.24
N ASP B 262 8.53 -18.79 11.70
CA ASP B 262 8.84 -19.76 10.65
C ASP B 262 9.25 -19.11 9.33
#